data_3TA2
#
_entry.id   3TA2
#
_cell.length_a   79.220
_cell.length_b   79.220
_cell.length_c   223.140
_cell.angle_alpha   90.00
_cell.angle_beta   90.00
_cell.angle_gamma   120.00
#
_symmetry.space_group_name_H-M   'P 63 2 2'
#
loop_
_entity.id
_entity.type
_entity.pdbx_description
1 polymer 'Nitrogen regulatory protein P-II (GlnB-3)'
2 non-polymer 'MAGNESIUM ION'
3 non-polymer '2-OXOGLUTARIC ACID'
4 non-polymer "ADENOSINE-5'-TRIPHOSPHATE"
5 non-polymer 'NICKEL (II) ION'
6 water water
#
_entity_poly.entity_id   1
_entity_poly.type   'polypeptide(L)'
_entity_poly.pdbx_seq_one_letter_code
;MKMVVAVIRPEKLECVKKALEERGFVGMTVTEVKGRGEQKGIRLQFRGREVEVDLLQKTKVEVVVSDDAVDEVVEAIVSS
ARTGKFGDGRIFVIPVEKSVKIRTGDEEVAAAHHHHHH
;
_entity_poly.pdbx_strand_id   A,B,C
#
loop_
_chem_comp.id
_chem_comp.type
_chem_comp.name
_chem_comp.formula
AKG non-polymer '2-OXOGLUTARIC ACID' 'C5 H6 O5'
ATP non-polymer ADENOSINE-5'-TRIPHOSPHATE 'C10 H16 N5 O13 P3'
MG non-polymer 'MAGNESIUM ION' 'Mg 2'
NI non-polymer 'NICKEL (II) ION' 'Ni 2'
#
# COMPACT_ATOMS: atom_id res chain seq x y z
N MET A 1 -18.73 -17.67 8.39
CA MET A 1 -19.46 -16.40 8.35
C MET A 1 -18.81 -15.45 9.32
N LYS A 2 -18.90 -14.16 9.03
CA LYS A 2 -18.32 -13.14 9.90
C LYS A 2 -19.26 -11.95 9.99
N MET A 3 -19.16 -11.20 11.06
CA MET A 3 -19.88 -9.96 11.19
C MET A 3 -18.88 -8.84 11.00
N VAL A 4 -19.14 -7.99 10.00
CA VAL A 4 -18.33 -6.80 9.74
C VAL A 4 -19.01 -5.66 10.49
N VAL A 5 -18.30 -5.05 11.44
CA VAL A 5 -18.83 -3.99 12.30
C VAL A 5 -18.09 -2.70 11.99
N ALA A 6 -18.77 -1.75 11.39
CA ALA A 6 -18.18 -0.48 11.00
C ALA A 6 -18.78 0.64 11.85
N VAL A 7 -17.94 1.51 12.40
CA VAL A 7 -18.44 2.68 13.14
C VAL A 7 -18.02 3.87 12.30
N ILE A 8 -18.99 4.53 11.66
CA ILE A 8 -18.73 5.59 10.68
C ILE A 8 -19.34 6.93 11.08
N ARG A 9 -19.03 7.97 10.27
CA ARG A 9 -19.63 9.30 10.44
C ARG A 9 -21.09 9.14 10.05
N PRO A 10 -22.04 9.68 10.86
CA PRO A 10 -23.47 9.54 10.50
C PRO A 10 -23.86 10.00 9.10
N GLU A 11 -23.22 11.08 8.60
CA GLU A 11 -23.48 11.64 7.26
C GLU A 11 -22.98 10.73 6.13
N LYS A 12 -22.23 9.65 6.46
CA LYS A 12 -21.75 8.71 5.45
C LYS A 12 -22.59 7.44 5.33
N LEU A 13 -23.63 7.29 6.18
CA LEU A 13 -24.50 6.10 6.14
C LEU A 13 -25.13 5.84 4.75
N GLU A 14 -25.73 6.86 4.12
CA GLU A 14 -26.31 6.68 2.78
C GLU A 14 -25.26 6.19 1.76
N CYS A 15 -24.04 6.79 1.75
CA CYS A 15 -22.96 6.41 0.85
C CYS A 15 -22.62 4.93 1.05
N VAL A 16 -22.47 4.52 2.33
CA VAL A 16 -22.11 3.15 2.71
C VAL A 16 -23.18 2.16 2.28
N LYS A 17 -24.45 2.48 2.57
CA LYS A 17 -25.60 1.66 2.18
C LYS A 17 -25.60 1.42 0.66
N LYS A 18 -25.41 2.49 -0.12
CA LYS A 18 -25.40 2.40 -1.60
C LYS A 18 -24.21 1.58 -2.16
N ALA A 19 -23.01 1.81 -1.62
CA ALA A 19 -21.82 1.04 -1.99
C ALA A 19 -22.03 -0.46 -1.69
N LEU A 20 -22.61 -0.79 -0.52
CA LEU A 20 -22.90 -2.19 -0.19
C LEU A 20 -23.99 -2.76 -1.10
N GLU A 21 -25.05 -1.98 -1.35
CA GLU A 21 -26.15 -2.44 -2.22
C GLU A 21 -25.66 -2.74 -3.67
N GLU A 22 -24.89 -1.82 -4.25
CA GLU A 22 -24.34 -1.98 -5.60
C GLU A 22 -23.57 -3.32 -5.71
N ARG A 23 -22.90 -3.75 -4.62
N ARG A 23 -22.90 -3.77 -4.63
CA ARG A 23 -22.15 -5.01 -4.57
CA ARG A 23 -22.15 -5.02 -4.57
C ARG A 23 -23.00 -6.23 -4.17
C ARG A 23 -23.01 -6.25 -4.22
N GLY A 24 -24.30 -6.02 -3.95
CA GLY A 24 -25.25 -7.07 -3.60
C GLY A 24 -25.40 -7.36 -2.11
N PHE A 25 -24.83 -6.50 -1.25
CA PHE A 25 -24.91 -6.68 0.20
C PHE A 25 -26.00 -5.77 0.72
N VAL A 26 -27.17 -6.32 0.91
CA VAL A 26 -28.31 -5.52 1.31
C VAL A 26 -28.66 -5.63 2.82
N GLY A 27 -28.57 -6.83 3.36
CA GLY A 27 -28.83 -7.07 4.77
C GLY A 27 -27.80 -6.40 5.67
N MET A 28 -28.28 -5.64 6.66
CA MET A 28 -27.43 -4.91 7.61
C MET A 28 -28.23 -4.44 8.78
N THR A 29 -27.56 -4.21 9.92
CA THR A 29 -28.18 -3.68 11.14
C THR A 29 -27.52 -2.35 11.45
N VAL A 30 -28.31 -1.31 11.71
CA VAL A 30 -27.76 0.04 11.93
C VAL A 30 -28.14 0.52 13.32
N THR A 31 -27.13 0.98 14.08
CA THR A 31 -27.36 1.49 15.44
C THR A 31 -26.74 2.88 15.58
N GLU A 32 -27.48 3.81 16.23
CA GLU A 32 -26.98 5.14 16.57
C GLU A 32 -26.18 4.93 17.86
N VAL A 33 -24.90 5.34 17.84
CA VAL A 33 -24.02 5.14 18.99
C VAL A 33 -23.24 6.46 19.23
N LYS A 34 -22.39 6.47 20.26
CA LYS A 34 -21.47 7.58 20.48
C LYS A 34 -20.11 6.95 20.68
N GLY A 35 -19.06 7.69 20.39
CA GLY A 35 -17.71 7.14 20.57
C GLY A 35 -16.61 8.16 20.41
N ARG A 36 -15.38 7.69 20.63
CA ARG A 36 -14.17 8.46 20.33
C ARG A 36 -13.09 7.45 20.02
N GLY A 37 -12.03 7.91 19.37
CA GLY A 37 -10.92 7.07 18.97
C GLY A 37 -9.64 7.52 19.64
N GLU A 38 -8.52 7.33 18.94
CA GLU A 38 -7.17 7.67 19.44
C GLU A 38 -6.97 9.18 19.75
N GLN A 39 -7.72 10.08 19.08
CA GLN A 39 -7.57 11.53 19.36
C GLN A 39 -8.43 12.02 20.51
N LYS A 40 -9.21 11.10 21.12
CA LYS A 40 -10.07 11.37 22.27
C LYS A 40 -11.02 12.54 22.01
N GLY A 41 -11.71 12.45 20.89
CA GLY A 41 -12.69 13.44 20.51
C GLY A 41 -12.08 14.61 19.79
N ILE A 42 -12.75 15.77 19.94
CA ILE A 42 -12.35 16.98 19.23
C ILE A 42 -12.21 18.18 20.18
N ARG A 43 -11.37 19.13 19.76
CA ARG A 43 -11.10 20.40 20.40
C ARG A 43 -11.60 21.46 19.44
N LEU A 44 -12.45 22.36 19.92
CA LEU A 44 -13.06 23.43 19.12
C LEU A 44 -12.70 24.76 19.78
N GLN A 45 -12.70 25.85 19.01
CA GLN A 45 -12.53 27.15 19.62
C GLN A 45 -13.92 27.81 19.59
N PHE A 46 -14.41 28.20 20.77
CA PHE A 46 -15.70 28.85 20.93
C PHE A 46 -15.50 30.09 21.80
N ARG A 47 -15.83 31.26 21.25
CA ARG A 47 -15.71 32.56 21.93
C ARG A 47 -14.28 32.75 22.49
N GLY A 48 -13.30 32.52 21.64
CA GLY A 48 -11.87 32.64 21.97
C GLY A 48 -11.35 31.67 23.02
N ARG A 49 -12.13 30.60 23.33
CA ARG A 49 -11.72 29.61 24.32
C ARG A 49 -11.79 28.19 23.74
N GLU A 50 -10.84 27.33 24.14
CA GLU A 50 -10.74 25.93 23.70
C GLU A 50 -11.75 25.08 24.44
N VAL A 51 -12.59 24.34 23.70
CA VAL A 51 -13.59 23.45 24.26
C VAL A 51 -13.39 22.03 23.71
N GLU A 52 -13.57 21.02 24.57
CA GLU A 52 -13.40 19.63 24.21
C GLU A 52 -14.75 18.89 24.21
N VAL A 53 -14.96 18.08 23.16
CA VAL A 53 -16.13 17.22 23.03
C VAL A 53 -15.52 15.81 22.94
N ASP A 54 -15.56 15.05 24.04
CA ASP A 54 -14.86 13.76 24.06
C ASP A 54 -15.64 12.53 23.59
N LEU A 55 -16.93 12.69 23.24
CA LEU A 55 -17.75 11.57 22.75
C LEU A 55 -18.60 12.13 21.63
N LEU A 56 -18.48 11.56 20.41
CA LEU A 56 -19.18 12.07 19.22
C LEU A 56 -20.25 11.12 18.76
N GLN A 57 -21.29 11.64 18.10
CA GLN A 57 -22.34 10.84 17.53
C GLN A 57 -21.75 10.07 16.34
N LYS A 58 -21.99 8.76 16.29
CA LYS A 58 -21.50 7.92 15.21
C LYS A 58 -22.60 6.95 14.81
N THR A 59 -22.39 6.24 13.71
CA THR A 59 -23.35 5.25 13.25
C THR A 59 -22.63 3.91 13.12
N LYS A 60 -23.17 2.88 13.78
CA LYS A 60 -22.59 1.54 13.72
C LYS A 60 -23.35 0.74 12.63
N VAL A 61 -22.62 0.18 11.69
CA VAL A 61 -23.18 -0.63 10.61
C VAL A 61 -22.65 -2.06 10.79
N GLU A 62 -23.56 -3.04 10.95
CA GLU A 62 -23.20 -4.42 11.16
C GLU A 62 -23.67 -5.24 9.96
N VAL A 63 -22.76 -5.97 9.33
CA VAL A 63 -23.08 -6.73 8.12
C VAL A 63 -22.55 -8.14 8.28
N VAL A 64 -23.44 -9.14 8.33
CA VAL A 64 -23.05 -10.53 8.44
C VAL A 64 -22.93 -11.06 7.02
N VAL A 65 -21.74 -11.61 6.69
CA VAL A 65 -21.41 -12.09 5.35
C VAL A 65 -20.62 -13.38 5.41
N SER A 66 -20.44 -14.02 4.23
CA SER A 66 -19.64 -15.24 4.15
C SER A 66 -18.17 -14.87 4.39
N ASP A 67 -17.35 -15.82 4.88
CA ASP A 67 -15.93 -15.59 5.12
C ASP A 67 -15.20 -14.97 3.90
N ASP A 68 -15.47 -15.51 2.68
CA ASP A 68 -14.81 -14.98 1.50
C ASP A 68 -15.23 -13.56 1.11
N ALA A 69 -16.40 -13.08 1.56
CA ALA A 69 -16.94 -11.74 1.24
C ALA A 69 -16.42 -10.60 2.13
N VAL A 70 -15.80 -10.94 3.28
CA VAL A 70 -15.27 -9.94 4.21
C VAL A 70 -14.43 -8.81 3.60
N ASP A 71 -13.36 -9.17 2.86
CA ASP A 71 -12.46 -8.20 2.28
C ASP A 71 -13.20 -7.21 1.37
N GLU A 72 -14.15 -7.71 0.58
CA GLU A 72 -14.92 -6.85 -0.32
C GLU A 72 -15.78 -5.90 0.48
N VAL A 73 -16.47 -6.42 1.52
CA VAL A 73 -17.33 -5.61 2.37
C VAL A 73 -16.50 -4.50 3.03
N VAL A 74 -15.32 -4.85 3.55
CA VAL A 74 -14.40 -3.88 4.17
C VAL A 74 -14.00 -2.80 3.12
N GLU A 75 -13.63 -3.22 1.90
CA GLU A 75 -13.24 -2.28 0.82
C GLU A 75 -14.38 -1.35 0.48
N ALA A 76 -15.64 -1.88 0.34
CA ALA A 76 -16.83 -1.07 0.02
C ALA A 76 -17.04 0.03 1.07
N ILE A 77 -16.91 -0.35 2.35
CA ILE A 77 -17.10 0.59 3.47
C ILE A 77 -15.99 1.65 3.47
N VAL A 78 -14.72 1.23 3.35
CA VAL A 78 -13.58 2.18 3.31
C VAL A 78 -13.77 3.18 2.16
N SER A 79 -14.05 2.67 0.94
CA SER A 79 -14.18 3.56 -0.21
C SER A 79 -15.33 4.57 -0.08
N SER A 80 -16.45 4.21 0.53
CA SER A 80 -17.58 5.11 0.64
C SER A 80 -17.63 5.96 1.92
N ALA A 81 -16.95 5.55 3.00
CA ALA A 81 -16.98 6.26 4.27
C ALA A 81 -15.81 7.24 4.45
N ARG A 82 -14.70 7.04 3.71
N ARG A 82 -14.69 7.00 3.78
CA ARG A 82 -13.46 7.82 3.82
CA ARG A 82 -13.49 7.84 3.93
C ARG A 82 -13.55 9.28 3.41
C ARG A 82 -13.68 9.29 3.53
N THR A 83 -13.02 10.19 4.26
CA THR A 83 -12.97 11.63 3.97
C THR A 83 -11.49 12.09 4.02
N GLY A 84 -10.61 11.30 4.68
CA GLY A 84 -9.19 11.60 4.85
C GLY A 84 -8.88 12.36 6.14
N LYS A 85 -9.88 12.57 6.99
CA LYS A 85 -9.74 13.28 8.26
C LYS A 85 -9.93 12.31 9.42
N PHE A 86 -9.34 12.64 10.60
CA PHE A 86 -9.50 11.84 11.82
C PHE A 86 -10.99 11.66 12.06
N GLY A 87 -11.38 10.44 12.43
CA GLY A 87 -12.77 10.11 12.74
C GLY A 87 -13.55 9.42 11.63
N ASP A 88 -12.88 9.04 10.53
CA ASP A 88 -13.52 8.36 9.38
C ASP A 88 -14.15 7.02 9.76
N GLY A 89 -13.58 6.39 10.77
CA GLY A 89 -14.12 5.16 11.28
C GLY A 89 -13.16 4.04 11.54
N ARG A 90 -13.70 3.04 12.26
CA ARG A 90 -13.03 1.78 12.51
C ARG A 90 -13.90 0.65 12.02
N ILE A 91 -13.27 -0.42 11.52
CA ILE A 91 -13.97 -1.63 11.10
C ILE A 91 -13.38 -2.81 11.87
N PHE A 92 -14.25 -3.60 12.53
CA PHE A 92 -13.87 -4.77 13.30
C PHE A 92 -14.59 -5.99 12.70
N VAL A 93 -13.89 -7.12 12.63
CA VAL A 93 -14.48 -8.35 12.06
C VAL A 93 -14.56 -9.34 13.20
N ILE A 94 -15.77 -9.87 13.40
CA ILE A 94 -16.07 -10.79 14.50
C ILE A 94 -16.62 -12.11 13.94
N PRO A 95 -16.18 -13.26 14.45
CA PRO A 95 -16.72 -14.54 13.93
C PRO A 95 -18.18 -14.75 14.28
N VAL A 96 -18.93 -15.33 13.33
CA VAL A 96 -20.34 -15.68 13.53
C VAL A 96 -20.39 -17.21 13.26
N GLU A 97 -20.85 -17.99 14.23
CA GLU A 97 -20.88 -19.43 14.13
C GLU A 97 -22.16 -19.99 13.53
N LYS A 98 -23.31 -19.30 13.70
CA LYS A 98 -24.62 -19.74 13.22
C LYS A 98 -25.39 -18.55 12.73
N SER A 99 -26.20 -18.75 11.69
CA SER A 99 -27.09 -17.71 11.21
C SER A 99 -28.43 -18.38 10.94
N VAL A 100 -29.49 -17.86 11.56
CA VAL A 100 -30.84 -18.42 11.43
C VAL A 100 -31.77 -17.39 10.83
N LYS A 101 -32.62 -17.83 9.88
CA LYS A 101 -33.69 -16.98 9.34
C LYS A 101 -34.92 -17.43 10.13
N ILE A 102 -35.50 -16.54 10.93
CA ILE A 102 -36.65 -16.87 11.77
C ILE A 102 -37.87 -17.41 11.02
N ARG A 103 -38.24 -16.73 9.94
CA ARG A 103 -39.42 -17.08 9.13
C ARG A 103 -39.42 -18.54 8.68
N THR A 104 -38.28 -19.02 8.17
CA THR A 104 -38.15 -20.38 7.61
C THR A 104 -37.51 -21.35 8.56
N GLY A 105 -36.81 -20.86 9.57
CA GLY A 105 -36.06 -21.66 10.46
C GLY A 105 -34.75 -22.19 9.86
N ASP A 106 -34.43 -21.79 8.66
CA ASP A 106 -33.19 -22.25 8.04
C ASP A 106 -31.96 -21.74 8.77
N GLU A 107 -31.00 -22.60 9.04
CA GLU A 107 -29.81 -22.27 9.80
C GLU A 107 -28.56 -22.62 9.03
N GLU A 108 -27.71 -21.62 8.80
CA GLU A 108 -26.43 -21.79 8.15
C GLU A 108 -25.38 -21.88 9.25
N VAL A 109 -24.48 -22.88 9.17
CA VAL A 109 -23.46 -23.13 10.19
C VAL A 109 -22.06 -23.08 9.58
N MET B 1 -19.23 9.69 -13.02
CA MET B 1 -18.19 8.66 -12.98
C MET B 1 -17.07 9.06 -13.89
N LYS B 2 -15.86 8.64 -13.56
CA LYS B 2 -14.69 8.96 -14.38
C LYS B 2 -13.79 7.76 -14.49
N MET B 3 -13.01 7.70 -15.56
CA MET B 3 -11.98 6.68 -15.70
C MET B 3 -10.63 7.36 -15.44
N VAL B 4 -9.92 6.87 -14.44
CA VAL B 4 -8.59 7.39 -14.09
C VAL B 4 -7.62 6.45 -14.83
N VAL B 5 -6.87 6.99 -15.81
CA VAL B 5 -5.95 6.19 -16.61
C VAL B 5 -4.53 6.55 -16.22
N ALA B 6 -3.83 5.63 -15.57
CA ALA B 6 -2.45 5.90 -15.15
C ALA B 6 -1.50 5.05 -15.99
N VAL B 7 -0.44 5.65 -16.54
CA VAL B 7 0.58 4.88 -17.25
C VAL B 7 1.83 4.96 -16.39
N ILE B 8 2.18 3.85 -15.75
CA ILE B 8 3.24 3.81 -14.74
C ILE B 8 4.40 2.88 -15.09
N ARG B 9 5.44 2.88 -14.24
CA ARG B 9 6.58 1.96 -14.41
C ARG B 9 6.05 0.59 -14.06
N PRO B 10 6.37 -0.45 -14.87
CA PRO B 10 5.86 -1.80 -14.57
C PRO B 10 6.19 -2.31 -13.17
N GLU B 11 7.37 -1.96 -12.61
CA GLU B 11 7.79 -2.37 -11.27
C GLU B 11 7.00 -1.68 -10.14
N LYS B 12 6.13 -0.70 -10.49
CA LYS B 12 5.31 0.01 -9.50
C LYS B 12 3.87 -0.46 -9.45
N LEU B 13 3.49 -1.41 -10.34
CA LEU B 13 2.10 -1.90 -10.37
C LEU B 13 1.62 -2.44 -9.00
N GLU B 14 2.42 -3.31 -8.34
CA GLU B 14 2.01 -3.85 -7.03
C GLU B 14 1.79 -2.76 -6.01
N CYS B 15 2.68 -1.73 -5.95
CA CYS B 15 2.55 -0.58 -5.02
C CYS B 15 1.25 0.15 -5.27
N VAL B 16 0.93 0.40 -6.54
CA VAL B 16 -0.28 1.13 -6.95
C VAL B 16 -1.54 0.34 -6.60
N LYS B 17 -1.53 -0.98 -6.90
CA LYS B 17 -2.66 -1.86 -6.58
C LYS B 17 -2.92 -1.79 -5.07
N LYS B 18 -1.82 -1.90 -4.26
CA LYS B 18 -1.93 -1.86 -2.79
C LYS B 18 -2.43 -0.51 -2.28
N ALA B 19 -1.89 0.61 -2.83
CA ALA B 19 -2.28 1.96 -2.39
C ALA B 19 -3.76 2.23 -2.67
N LEU B 20 -4.25 1.76 -3.80
CA LEU B 20 -5.66 1.88 -4.13
C LEU B 20 -6.52 0.95 -3.25
N GLU B 21 -6.07 -0.30 -3.05
CA GLU B 21 -6.83 -1.25 -2.20
C GLU B 21 -6.98 -0.67 -0.79
N GLU B 22 -5.95 0.05 -0.27
CA GLU B 22 -6.02 0.69 1.06
C GLU B 22 -7.06 1.82 1.12
N ARG B 23 -7.38 2.44 -0.04
CA ARG B 23 -8.40 3.48 -0.17
C ARG B 23 -9.78 2.90 -0.48
N GLY B 24 -9.87 1.57 -0.62
CA GLY B 24 -11.10 0.83 -0.90
C GLY B 24 -11.40 0.65 -2.37
N PHE B 25 -10.39 0.85 -3.24
CA PHE B 25 -10.59 0.74 -4.69
C PHE B 25 -9.87 -0.45 -5.20
N VAL B 26 -10.64 -1.43 -5.69
CA VAL B 26 -10.03 -2.65 -6.15
C VAL B 26 -10.27 -2.89 -7.65
N GLY B 27 -11.45 -2.53 -8.18
CA GLY B 27 -11.77 -2.73 -9.61
C GLY B 27 -10.79 -1.96 -10.50
N MET B 28 -10.17 -2.64 -11.48
CA MET B 28 -9.19 -2.00 -12.39
C MET B 28 -8.89 -2.88 -13.56
N THR B 29 -8.42 -2.27 -14.64
CA THR B 29 -8.01 -2.99 -15.85
C THR B 29 -6.55 -2.66 -16.10
N VAL B 30 -5.72 -3.68 -16.30
CA VAL B 30 -4.28 -3.56 -16.46
C VAL B 30 -3.84 -4.00 -17.84
N THR B 31 -3.16 -3.10 -18.58
CA THR B 31 -2.67 -3.42 -19.93
C THR B 31 -1.16 -3.16 -20.00
N GLU B 32 -0.42 -4.09 -20.64
CA GLU B 32 1.02 -3.92 -20.90
C GLU B 32 1.08 -3.05 -22.16
N VAL B 33 1.79 -1.93 -22.09
CA VAL B 33 1.88 -0.99 -23.21
C VAL B 33 3.34 -0.57 -23.37
N LYS B 34 3.61 0.28 -24.38
CA LYS B 34 4.91 0.90 -24.54
C LYS B 34 4.63 2.37 -24.69
N GLY B 35 5.61 3.19 -24.38
CA GLY B 35 5.40 4.62 -24.55
C GLY B 35 6.64 5.45 -24.34
N ARG B 36 6.48 6.76 -24.54
CA ARG B 36 7.50 7.72 -24.16
C ARG B 36 6.80 9.01 -23.82
N GLY B 37 7.49 9.84 -23.07
CA GLY B 37 6.94 11.12 -22.66
C GLY B 37 7.74 12.25 -23.24
N GLU B 38 7.84 13.35 -22.48
CA GLU B 38 8.51 14.57 -22.92
C GLU B 38 10.00 14.46 -23.19
N GLN B 39 10.69 13.46 -22.59
CA GLN B 39 12.12 13.28 -22.87
C GLN B 39 12.37 12.39 -24.09
N LYS B 40 11.28 11.88 -24.72
CA LYS B 40 11.32 11.01 -25.93
C LYS B 40 12.24 9.80 -25.70
N GLY B 41 12.00 9.14 -24.59
CA GLY B 41 12.77 7.95 -24.26
C GLY B 41 14.08 8.26 -23.57
N ILE B 42 15.05 7.39 -23.76
CA ILE B 42 16.35 7.50 -23.10
C ILE B 42 17.52 7.40 -24.08
N ARG B 43 18.61 8.08 -23.72
CA ARG B 43 19.87 8.05 -24.45
C ARG B 43 20.90 7.34 -23.57
N LEU B 44 21.64 6.45 -24.19
CA LEU B 44 22.67 5.66 -23.52
C LEU B 44 23.93 5.69 -24.34
N GLN B 45 25.08 5.42 -23.70
CA GLN B 45 26.36 5.24 -24.38
C GLN B 45 26.56 3.74 -24.57
N PHE B 46 26.92 3.34 -25.78
CA PHE B 46 27.15 1.95 -26.13
C PHE B 46 28.38 1.87 -27.01
N ARG B 47 29.44 1.18 -26.52
CA ARG B 47 30.71 1.04 -27.26
C ARG B 47 31.21 2.40 -27.80
N GLY B 48 31.17 3.42 -26.94
CA GLY B 48 31.61 4.78 -27.24
C GLY B 48 30.74 5.64 -28.14
N ARG B 49 29.55 5.14 -28.52
CA ARG B 49 28.56 5.82 -29.37
C ARG B 49 27.29 6.11 -28.56
N GLU B 50 26.51 7.12 -28.96
CA GLU B 50 25.20 7.34 -28.33
C GLU B 50 24.16 6.52 -29.06
N VAL B 51 23.27 5.87 -28.30
CA VAL B 51 22.13 5.10 -28.80
C VAL B 51 20.88 5.65 -28.11
N GLU B 52 19.76 5.51 -28.78
CA GLU B 52 18.46 6.02 -28.34
C GLU B 52 17.46 4.87 -28.21
N VAL B 53 16.69 4.81 -27.09
CA VAL B 53 15.57 3.83 -26.93
C VAL B 53 14.35 4.74 -26.81
N ASP B 54 13.56 4.86 -27.88
CA ASP B 54 12.47 5.84 -27.89
C ASP B 54 11.09 5.38 -27.43
N LEU B 55 10.93 4.10 -27.09
CA LEU B 55 9.69 3.54 -26.56
C LEU B 55 10.06 2.58 -25.44
N LEU B 56 9.50 2.79 -24.26
CA LEU B 56 9.80 1.99 -23.08
C LEU B 56 8.59 1.20 -22.67
N GLN B 57 8.83 0.05 -22.02
CA GLN B 57 7.74 -0.79 -21.50
C GLN B 57 7.11 -0.07 -20.34
N LYS B 58 5.78 0.01 -20.33
CA LYS B 58 5.03 0.67 -19.26
C LYS B 58 3.79 -0.18 -18.94
N THR B 59 3.10 0.17 -17.86
CA THR B 59 1.87 -0.51 -17.46
C THR B 59 0.77 0.50 -17.36
N LYS B 60 -0.34 0.26 -18.06
CA LYS B 60 -1.50 1.14 -18.04
C LYS B 60 -2.50 0.59 -17.01
N VAL B 61 -2.91 1.44 -16.08
CA VAL B 61 -3.86 1.05 -15.03
C VAL B 61 -5.09 1.96 -15.22
N GLU B 62 -6.25 1.34 -15.46
CA GLU B 62 -7.50 2.06 -15.68
C GLU B 62 -8.44 1.78 -14.54
N VAL B 63 -8.90 2.84 -13.86
CA VAL B 63 -9.75 2.70 -12.68
C VAL B 63 -10.99 3.59 -12.84
N VAL B 64 -12.18 2.96 -12.97
CA VAL B 64 -13.42 3.70 -13.09
C VAL B 64 -13.96 3.89 -11.68
N VAL B 65 -14.19 5.17 -11.30
CA VAL B 65 -14.62 5.56 -9.96
C VAL B 65 -15.67 6.64 -10.01
N SER B 66 -16.31 6.93 -8.86
CA SER B 66 -17.31 8.01 -8.81
C SER B 66 -16.56 9.34 -8.93
N ASP B 67 -17.25 10.38 -9.39
CA ASP B 67 -16.66 11.73 -9.52
C ASP B 67 -15.97 12.23 -8.23
N ASP B 68 -16.58 12.00 -7.05
N ASP B 68 -16.58 11.98 -7.06
CA ASP B 68 -16.03 12.45 -5.77
CA ASP B 68 -16.06 12.42 -5.76
C ASP B 68 -14.79 11.67 -5.31
C ASP B 68 -14.83 11.65 -5.27
N ALA B 69 -14.56 10.46 -5.87
CA ALA B 69 -13.43 9.60 -5.54
C ALA B 69 -12.15 9.93 -6.36
N VAL B 70 -12.27 10.67 -7.47
CA VAL B 70 -11.14 10.97 -8.36
C VAL B 70 -9.89 11.49 -7.67
N ASP B 71 -10.02 12.57 -6.92
CA ASP B 71 -8.88 13.20 -6.24
C ASP B 71 -8.09 12.22 -5.38
N GLU B 72 -8.81 11.42 -4.57
CA GLU B 72 -8.13 10.47 -3.69
C GLU B 72 -7.53 9.29 -4.44
N VAL B 73 -8.12 8.89 -5.60
CA VAL B 73 -7.56 7.82 -6.47
C VAL B 73 -6.29 8.36 -7.12
N VAL B 74 -6.34 9.58 -7.66
CA VAL B 74 -5.17 10.26 -8.27
C VAL B 74 -4.05 10.39 -7.22
N GLU B 75 -4.36 10.87 -6.00
CA GLU B 75 -3.35 11.01 -4.94
C GLU B 75 -2.70 9.67 -4.58
N ALA B 76 -3.50 8.61 -4.44
CA ALA B 76 -3.01 7.28 -4.11
C ALA B 76 -2.05 6.75 -5.18
N ILE B 77 -2.38 6.96 -6.48
CA ILE B 77 -1.53 6.52 -7.59
C ILE B 77 -0.23 7.34 -7.61
N VAL B 78 -0.33 8.67 -7.49
CA VAL B 78 0.85 9.57 -7.52
C VAL B 78 1.81 9.16 -6.38
N SER B 79 1.29 9.06 -5.14
CA SER B 79 2.10 8.73 -3.98
C SER B 79 2.83 7.39 -4.10
N SER B 80 2.17 6.35 -4.63
CA SER B 80 2.73 5.00 -4.73
C SER B 80 3.54 4.72 -5.98
N ALA B 81 3.30 5.46 -7.09
CA ALA B 81 4.02 5.23 -8.35
C ALA B 81 5.28 6.10 -8.48
N ARG B 82 5.34 7.23 -7.74
CA ARG B 82 6.47 8.16 -7.80
C ARG B 82 7.80 7.55 -7.37
N THR B 83 8.89 7.93 -8.08
CA THR B 83 10.28 7.56 -7.74
C THR B 83 11.15 8.82 -7.72
N GLY B 84 10.67 9.91 -8.34
CA GLY B 84 11.39 11.19 -8.44
C GLY B 84 12.23 11.31 -9.70
N LYS B 85 12.18 10.31 -10.60
CA LYS B 85 12.93 10.28 -11.84
C LYS B 85 11.99 10.43 -13.03
N PHE B 86 12.50 10.99 -14.15
CA PHE B 86 11.71 11.10 -15.38
C PHE B 86 11.15 9.74 -15.73
N GLY B 87 9.88 9.70 -16.13
CA GLY B 87 9.22 8.46 -16.53
C GLY B 87 8.31 7.83 -15.49
N ASP B 88 8.07 8.54 -14.37
CA ASP B 88 7.21 8.06 -13.26
C ASP B 88 5.77 7.82 -13.70
N GLY B 89 5.33 8.56 -14.71
CA GLY B 89 4.00 8.36 -15.25
C GLY B 89 3.16 9.58 -15.49
N ARG B 90 2.09 9.36 -16.24
CA ARG B 90 1.06 10.34 -16.53
C ARG B 90 -0.27 9.78 -16.13
N ILE B 91 -1.15 10.64 -15.61
CA ILE B 91 -2.51 10.25 -15.26
C ILE B 91 -3.46 11.14 -16.04
N PHE B 92 -4.43 10.52 -16.73
CA PHE B 92 -5.45 11.20 -17.54
C PHE B 92 -6.81 10.82 -17.00
N VAL B 93 -7.70 11.82 -16.86
CA VAL B 93 -9.05 11.57 -16.33
C VAL B 93 -10.02 11.76 -17.49
N ILE B 94 -10.81 10.73 -17.76
CA ILE B 94 -11.74 10.66 -18.87
C ILE B 94 -13.17 10.46 -18.34
N PRO B 95 -14.16 11.20 -18.86
CA PRO B 95 -15.54 10.98 -18.38
C PRO B 95 -16.11 9.63 -18.80
N VAL B 96 -16.87 9.01 -17.90
CA VAL B 96 -17.57 7.77 -18.15
C VAL B 96 -19.04 8.11 -17.90
N GLU B 97 -19.90 7.88 -18.89
CA GLU B 97 -21.32 8.22 -18.76
C GLU B 97 -22.17 7.10 -18.18
N LYS B 98 -21.79 5.84 -18.43
CA LYS B 98 -22.56 4.67 -17.98
C LYS B 98 -21.61 3.59 -17.54
N SER B 99 -22.02 2.81 -16.56
CA SER B 99 -21.29 1.64 -16.12
C SER B 99 -22.30 0.51 -16.00
N VAL B 100 -22.03 -0.64 -16.63
CA VAL B 100 -22.95 -1.79 -16.59
C VAL B 100 -22.21 -2.99 -16.03
N LYS B 101 -22.87 -3.74 -15.12
CA LYS B 101 -22.35 -5.00 -14.59
C LYS B 101 -23.03 -6.06 -15.44
N ILE B 102 -22.27 -6.80 -16.25
CA ILE B 102 -22.80 -7.80 -17.17
C ILE B 102 -23.61 -8.91 -16.49
N ARG B 103 -23.10 -9.45 -15.37
CA ARG B 103 -23.77 -10.53 -14.64
C ARG B 103 -25.23 -10.22 -14.30
N THR B 104 -25.49 -9.02 -13.79
CA THR B 104 -26.82 -8.62 -13.32
C THR B 104 -27.55 -7.72 -14.32
N GLY B 105 -26.82 -7.09 -15.21
CA GLY B 105 -27.30 -6.10 -16.12
C GLY B 105 -27.53 -4.76 -15.50
N ASP B 106 -27.18 -4.59 -14.23
CA ASP B 106 -27.44 -3.33 -13.55
C ASP B 106 -26.59 -2.19 -14.11
N GLU B 107 -27.19 -1.05 -14.38
CA GLU B 107 -26.44 0.08 -14.91
C GLU B 107 -26.40 1.27 -13.93
N GLU B 108 -25.26 1.91 -13.82
CA GLU B 108 -25.07 3.09 -13.00
C GLU B 108 -24.79 4.25 -13.95
N VAL B 109 -25.29 5.43 -13.60
CA VAL B 109 -25.12 6.65 -14.40
C VAL B 109 -24.64 7.81 -13.44
N MET C 1 19.17 12.85 0.85
CA MET C 1 19.83 11.56 0.62
C MET C 1 19.74 10.74 1.88
N LYS C 2 19.71 9.42 1.72
CA LYS C 2 19.66 8.51 2.86
C LYS C 2 20.55 7.33 2.62
N MET C 3 21.01 6.72 3.71
CA MET C 3 21.75 5.46 3.60
C MET C 3 20.79 4.36 4.04
N VAL C 4 20.56 3.40 3.17
CA VAL C 4 19.75 2.22 3.47
C VAL C 4 20.75 1.16 3.92
N VAL C 5 20.66 0.77 5.20
CA VAL C 5 21.56 -0.22 5.83
C VAL C 5 20.79 -1.49 6.04
N ALA C 6 21.12 -2.55 5.29
CA ALA C 6 20.46 -3.84 5.42
C ALA C 6 21.44 -4.87 5.94
N VAL C 7 21.00 -5.70 6.88
CA VAL C 7 21.83 -6.79 7.40
C VAL C 7 21.10 -8.06 7.00
N ILE C 8 21.67 -8.82 6.09
CA ILE C 8 21.02 -9.98 5.48
C ILE C 8 21.75 -11.30 5.68
N ARG C 9 21.14 -12.41 5.25
CA ARG C 9 21.79 -13.72 5.26
C ARG C 9 22.89 -13.66 4.20
N PRO C 10 24.12 -14.14 4.51
CA PRO C 10 25.20 -14.07 3.50
C PRO C 10 24.86 -14.71 2.16
N GLU C 11 24.10 -15.84 2.15
CA GLU C 11 23.68 -16.53 0.93
C GLU C 11 22.66 -15.73 0.09
N LYS C 12 22.17 -14.59 0.60
CA LYS C 12 21.20 -13.77 -0.14
C LYS C 12 21.85 -12.54 -0.80
N LEU C 13 23.17 -12.34 -0.60
CA LEU C 13 23.85 -11.18 -1.17
C LEU C 13 23.70 -11.05 -2.69
N GLU C 14 23.95 -12.14 -3.45
CA GLU C 14 23.80 -12.10 -4.91
C GLU C 14 22.40 -11.70 -5.34
N CYS C 15 21.35 -12.28 -4.70
CA CYS C 15 19.93 -11.97 -4.96
C CYS C 15 19.68 -10.47 -4.76
N VAL C 16 20.18 -9.93 -3.63
CA VAL C 16 19.98 -8.53 -3.26
C VAL C 16 20.66 -7.60 -4.25
N LYS C 17 21.94 -7.91 -4.60
CA LYS C 17 22.71 -7.13 -5.57
C LYS C 17 21.94 -7.08 -6.89
N LYS C 18 21.42 -8.25 -7.33
CA LYS C 18 20.68 -8.35 -8.59
C LYS C 18 19.36 -7.56 -8.57
N ALA C 19 18.58 -7.69 -7.45
CA ALA C 19 17.30 -6.99 -7.31
C ALA C 19 17.50 -5.48 -7.37
N LEU C 20 18.55 -4.97 -6.69
CA LEU C 20 18.86 -3.55 -6.71
C LEU C 20 19.33 -3.12 -8.10
N GLU C 21 20.22 -3.90 -8.74
CA GLU C 21 20.70 -3.58 -10.10
C GLU C 21 19.54 -3.48 -11.12
N GLU C 22 18.53 -4.38 -11.03
CA GLU C 22 17.37 -4.37 -11.92
C GLU C 22 16.55 -3.09 -11.81
N ARG C 23 16.66 -2.40 -10.65
CA ARG C 23 15.99 -1.14 -10.31
C ARG C 23 16.88 0.08 -10.57
N GLY C 24 18.09 -0.15 -11.07
CA GLY C 24 19.04 0.90 -11.38
C GLY C 24 19.90 1.32 -10.21
N PHE C 25 19.93 0.52 -9.12
CA PHE C 25 20.76 0.91 -7.96
C PHE C 25 21.97 0.02 -7.94
N VAL C 26 23.13 0.57 -8.31
CA VAL C 26 24.35 -0.24 -8.38
C VAL C 26 25.35 0.03 -7.25
N GLY C 27 25.51 1.30 -6.90
CA GLY C 27 26.47 1.69 -5.86
C GLY C 27 26.11 1.09 -4.50
N MET C 28 27.07 0.42 -3.84
CA MET C 28 26.83 -0.17 -2.51
C MET C 28 28.13 -0.52 -1.82
N THR C 29 28.09 -0.61 -0.48
CA THR C 29 29.23 -1.02 0.35
C THR C 29 28.81 -2.28 1.09
N VAL C 30 29.64 -3.31 1.04
CA VAL C 30 29.34 -4.60 1.65
C VAL C 30 30.36 -4.92 2.74
N THR C 31 29.85 -5.24 3.96
CA THR C 31 30.73 -5.61 5.08
C THR C 31 30.31 -6.97 5.66
N GLU C 32 31.28 -7.82 6.02
CA GLU C 32 31.03 -9.09 6.70
C GLU C 32 30.90 -8.73 8.17
N VAL C 33 29.78 -9.11 8.79
CA VAL C 33 29.53 -8.76 10.19
C VAL C 33 29.00 -10.00 10.90
N LYS C 34 28.74 -9.86 12.19
CA LYS C 34 28.08 -10.87 12.98
C LYS C 34 26.96 -10.17 13.70
N GLY C 35 25.91 -10.89 14.00
CA GLY C 35 24.82 -10.27 14.73
C GLY C 35 23.82 -11.26 15.29
N ARG C 36 22.85 -10.71 16.03
CA ARG C 36 21.69 -11.44 16.47
C ARG C 36 20.55 -10.43 16.58
N GLY C 37 19.34 -10.93 16.56
CA GLY C 37 18.15 -10.11 16.66
C GLY C 37 17.36 -10.48 17.88
N GLU C 38 16.03 -10.37 17.79
CA GLU C 38 15.16 -10.65 18.94
C GLU C 38 15.17 -12.06 19.49
N GLN C 39 15.58 -13.07 18.68
CA GLN C 39 15.66 -14.44 19.19
C GLN C 39 16.97 -14.75 19.87
N LYS C 40 17.91 -13.76 19.87
CA LYS C 40 19.22 -13.86 20.54
C LYS C 40 20.00 -15.08 20.04
N GLY C 41 20.08 -15.22 18.73
CA GLY C 41 20.81 -16.31 18.11
C GLY C 41 20.01 -17.59 18.01
N ILE C 42 20.74 -18.72 18.03
CA ILE C 42 20.15 -20.05 17.91
C ILE C 42 20.60 -20.97 19.03
N ARG C 43 19.75 -21.95 19.32
CA ARG C 43 19.96 -22.98 20.34
C ARG C 43 20.07 -24.32 19.65
N LEU C 44 21.09 -25.09 19.99
CA LEU C 44 21.28 -26.43 19.49
C LEU C 44 21.52 -27.29 20.74
N GLN C 45 21.50 -28.62 20.60
CA GLN C 45 21.86 -29.53 21.68
C GLN C 45 22.88 -30.52 21.11
N PHE C 46 24.00 -30.70 21.81
CA PHE C 46 25.04 -31.67 21.47
C PHE C 46 24.98 -32.70 22.57
N ARG C 47 24.44 -33.90 22.24
CA ARG C 47 24.17 -35.01 23.16
C ARG C 47 23.47 -34.55 24.47
N GLY C 48 22.34 -33.88 24.29
CA GLY C 48 21.50 -33.34 25.37
C GLY C 48 21.97 -32.01 25.96
N ARG C 49 23.26 -31.67 25.76
CA ARG C 49 23.83 -30.44 26.31
C ARG C 49 23.54 -29.24 25.41
N GLU C 50 23.00 -28.17 26.02
CA GLU C 50 22.69 -26.92 25.33
C GLU C 50 23.94 -26.25 24.79
N VAL C 51 23.90 -25.96 23.49
CA VAL C 51 24.94 -25.25 22.76
C VAL C 51 24.24 -24.06 22.16
N GLU C 52 24.58 -22.88 22.63
CA GLU C 52 23.96 -21.67 22.13
C GLU C 52 24.94 -20.86 21.30
N VAL C 53 24.52 -20.43 20.10
CA VAL C 53 25.36 -19.61 19.22
C VAL C 53 24.66 -18.24 19.19
N ASP C 54 25.18 -17.29 19.96
CA ASP C 54 24.46 -16.02 20.10
C ASP C 54 24.82 -14.90 19.14
N LEU C 55 25.75 -15.15 18.22
CA LEU C 55 26.14 -14.21 17.16
C LEU C 55 26.31 -15.03 15.88
N LEU C 56 25.59 -14.67 14.83
CA LEU C 56 25.64 -15.39 13.56
C LEU C 56 26.28 -14.55 12.49
N GLN C 57 26.91 -15.20 11.49
CA GLN C 57 27.53 -14.50 10.38
C GLN C 57 26.44 -13.88 9.53
N LYS C 58 26.57 -12.59 9.22
CA LYS C 58 25.61 -11.88 8.40
C LYS C 58 26.37 -11.00 7.41
N THR C 59 25.64 -10.41 6.47
CA THR C 59 26.24 -9.48 5.48
C THR C 59 25.54 -8.16 5.56
N LYS C 60 26.30 -7.07 5.77
CA LYS C 60 25.74 -5.73 5.83
C LYS C 60 25.84 -5.10 4.44
N VAL C 61 24.71 -4.59 3.93
CA VAL C 61 24.67 -3.93 2.62
C VAL C 61 24.24 -2.48 2.86
N GLU C 62 25.10 -1.52 2.47
CA GLU C 62 24.83 -0.10 2.66
C GLU C 62 24.64 0.55 1.32
N VAL C 63 23.49 1.21 1.12
CA VAL C 63 23.17 1.81 -0.19
C VAL C 63 22.74 3.26 0.02
N VAL C 64 23.53 4.21 -0.48
CA VAL C 64 23.20 5.64 -0.36
C VAL C 64 22.42 6.00 -1.60
N VAL C 65 21.21 6.55 -1.38
CA VAL C 65 20.24 6.87 -2.43
C VAL C 65 19.55 8.20 -2.16
N SER C 66 18.82 8.72 -3.17
CA SER C 66 18.06 9.95 -2.99
C SER C 66 16.88 9.64 -2.04
N ASP C 67 16.36 10.65 -1.33
CA ASP C 67 15.20 10.50 -0.43
C ASP C 67 14.00 9.81 -1.12
N ASP C 68 13.78 10.18 -2.40
N ASP C 68 13.75 10.18 -2.39
CA ASP C 68 12.71 9.71 -3.29
CA ASP C 68 12.64 9.65 -3.21
C ASP C 68 12.86 8.26 -3.76
C ASP C 68 12.81 8.17 -3.59
N ALA C 69 14.04 7.64 -3.53
CA ALA C 69 14.36 6.25 -3.91
C ALA C 69 14.30 5.23 -2.76
N VAL C 70 14.29 5.71 -1.49
CA VAL C 70 14.32 4.84 -0.31
C VAL C 70 13.33 3.68 -0.32
N ASP C 71 12.03 3.98 -0.49
CA ASP C 71 11.00 2.94 -0.47
C ASP C 71 11.25 1.84 -1.50
N GLU C 72 11.72 2.21 -2.71
CA GLU C 72 12.02 1.29 -3.81
C GLU C 72 13.19 0.40 -3.46
N VAL C 73 14.21 0.99 -2.84
CA VAL C 73 15.41 0.26 -2.42
C VAL C 73 15.05 -0.72 -1.30
N VAL C 74 14.26 -0.27 -0.31
CA VAL C 74 13.82 -1.10 0.81
C VAL C 74 13.00 -2.29 0.26
N GLU C 75 12.04 -2.02 -0.65
CA GLU C 75 11.21 -3.08 -1.23
C GLU C 75 12.01 -4.12 -1.97
N ALA C 76 12.99 -3.68 -2.77
CA ALA C 76 13.87 -4.56 -3.54
C ALA C 76 14.68 -5.49 -2.63
N ILE C 77 15.22 -4.94 -1.52
CA ILE C 77 15.98 -5.73 -0.54
C ILE C 77 15.06 -6.73 0.18
N VAL C 78 13.91 -6.28 0.66
CA VAL C 78 12.92 -7.14 1.36
C VAL C 78 12.53 -8.32 0.48
N SER C 79 12.11 -8.05 -0.77
N SER C 79 12.11 -8.05 -0.78
CA SER C 79 11.67 -9.09 -1.72
CA SER C 79 11.67 -9.09 -1.72
C SER C 79 12.72 -10.12 -2.06
C SER C 79 12.73 -10.14 -2.02
N SER C 80 13.99 -9.70 -2.19
CA SER C 80 15.08 -10.59 -2.56
C SER C 80 15.80 -11.27 -1.41
N ALA C 81 15.76 -10.68 -0.19
CA ALA C 81 16.43 -11.27 0.97
C ALA C 81 15.54 -12.22 1.77
N ARG C 82 14.21 -12.04 1.67
CA ARG C 82 13.30 -12.83 2.49
C ARG C 82 13.25 -14.33 2.21
N THR C 83 13.13 -15.13 3.29
CA THR C 83 13.00 -16.59 3.23
C THR C 83 11.78 -17.06 4.03
N GLY C 84 11.30 -16.19 4.95
CA GLY C 84 10.16 -16.48 5.81
C GLY C 84 10.54 -17.04 7.16
N LYS C 85 11.85 -17.17 7.43
CA LYS C 85 12.38 -17.71 8.69
C LYS C 85 13.04 -16.60 9.51
N PHE C 86 13.08 -16.77 10.86
CA PHE C 86 13.74 -15.80 11.73
C PHE C 86 15.17 -15.62 11.21
N GLY C 87 15.63 -14.37 11.19
CA GLY C 87 16.98 -14.04 10.77
C GLY C 87 17.13 -13.55 9.35
N ASP C 88 16.01 -13.27 8.67
CA ASP C 88 15.99 -12.76 7.27
C ASP C 88 16.67 -11.41 7.14
N GLY C 89 16.65 -10.65 8.22
CA GLY C 89 17.34 -9.36 8.28
C GLY C 89 16.55 -8.20 8.80
N ARG C 90 17.28 -7.11 8.98
CA ARG C 90 16.78 -5.81 9.39
C ARG C 90 17.27 -4.77 8.42
N ILE C 91 16.45 -3.76 8.17
CA ILE C 91 16.84 -2.60 7.33
C ILE C 91 16.67 -1.35 8.16
N PHE C 92 17.71 -0.51 8.19
CA PHE C 92 17.72 0.76 8.91
C PHE C 92 18.00 1.89 7.94
N VAL C 93 17.28 3.01 8.07
CA VAL C 93 17.45 4.14 7.18
C VAL C 93 18.06 5.27 7.98
N ILE C 94 19.21 5.76 7.52
CA ILE C 94 19.97 6.79 8.22
C ILE C 94 20.13 8.02 7.30
N PRO C 95 19.98 9.26 7.84
CA PRO C 95 20.18 10.43 6.97
C PRO C 95 21.62 10.63 6.54
N VAL C 96 21.79 11.07 5.28
CA VAL C 96 23.10 11.41 4.73
C VAL C 96 22.95 12.87 4.30
N GLU C 97 23.78 13.76 4.84
CA GLU C 97 23.70 15.19 4.55
C GLU C 97 24.50 15.64 3.33
N LYS C 98 25.63 14.98 3.06
CA LYS C 98 26.51 15.31 1.93
C LYS C 98 27.03 14.04 1.31
N SER C 99 27.25 14.07 0.00
CA SER C 99 27.84 12.94 -0.72
C SER C 99 28.86 13.52 -1.67
N VAL C 100 30.11 13.03 -1.60
CA VAL C 100 31.22 13.52 -2.40
C VAL C 100 31.80 12.40 -3.24
N LYS C 101 32.08 12.67 -4.52
CA LYS C 101 32.82 11.75 -5.38
C LYS C 101 34.27 12.22 -5.30
N ILE C 102 35.16 11.38 -4.76
CA ILE C 102 36.58 11.74 -4.56
C ILE C 102 37.31 12.15 -5.85
N ARG C 103 37.15 11.35 -6.90
CA ARG C 103 37.81 11.57 -8.19
C ARG C 103 37.62 12.98 -8.74
N THR C 104 36.37 13.47 -8.73
CA THR C 104 36.01 14.77 -9.30
C THR C 104 35.85 15.87 -8.25
N GLY C 105 35.68 15.45 -7.02
CA GLY C 105 35.34 16.28 -5.94
C GLY C 105 33.93 16.80 -5.93
N ASP C 106 33.09 16.34 -6.83
CA ASP C 106 31.71 16.83 -6.86
C ASP C 106 30.95 16.49 -5.60
N GLU C 107 30.15 17.41 -5.10
CA GLU C 107 29.43 17.20 -3.88
C GLU C 107 27.92 17.47 -4.01
N GLU C 108 27.11 16.54 -3.51
CA GLU C 108 25.64 16.64 -3.47
C GLU C 108 25.24 16.92 -2.02
N VAL C 109 24.25 17.80 -1.83
CA VAL C 109 23.74 18.18 -0.49
C VAL C 109 22.26 17.74 -0.36
MG MG D . -9.86 9.14 15.58
C1 AKG E . -11.31 10.56 17.67
O1 AKG E . -11.79 10.77 18.73
O2 AKG E . -10.46 9.62 17.54
C2 AKG E . -11.61 11.35 16.47
O5 AKG E . -11.06 11.00 15.42
C3 AKG E . -12.55 12.58 16.64
C4 AKG E . -13.05 13.19 15.36
C5 AKG E . -14.26 12.39 14.96
O3 AKG E . -14.58 11.32 15.45
O4 AKG E . -15.09 12.84 14.04
PG ATP F . -8.34 8.13 13.06
O1G ATP F . -6.92 8.50 13.46
O2G ATP F . -9.37 9.00 13.64
O3G ATP F . -8.50 8.06 11.60
PB ATP F . -9.10 6.21 15.02
O1B ATP F . -8.36 4.96 15.53
O2B ATP F . -8.93 7.42 15.96
O3B ATP F . -8.64 6.62 13.60
PA ATP F . -11.84 6.80 14.61
O1A ATP F . -11.62 8.11 15.23
O2A ATP F . -12.18 6.81 13.16
O3A ATP F . -10.63 5.87 14.89
O5' ATP F . -13.02 6.00 15.42
C5' ATP F . -14.36 5.96 14.86
C4' ATP F . -15.30 5.34 15.95
O4' ATP F . -14.80 4.01 16.10
C3' ATP F . -15.15 5.98 17.36
O3' ATP F . -15.84 7.19 17.52
C2' ATP F . -15.68 4.82 18.27
O2' ATP F . -17.11 4.78 18.20
C1' ATP F . -15.00 3.64 17.47
N9 ATP F . -13.75 3.19 18.01
C8 ATP F . -12.49 3.73 17.81
N7 ATP F . -11.60 3.04 18.41
C5 ATP F . -12.27 2.07 19.14
C6 ATP F . -11.79 1.02 20.03
N6 ATP F . -10.48 0.75 20.33
N1 ATP F . -12.71 0.24 20.61
C2 ATP F . -14.06 0.41 20.26
N3 ATP F . -14.59 1.37 19.43
C4 ATP F . -13.62 2.16 18.91
MG MG G . 9.16 11.59 -19.29
C1 AKG H . 10.18 9.92 -21.43
O1 AKG H . 10.31 9.40 -22.54
O2 AKG H . 9.39 10.97 -21.26
C2 AKG H . 10.88 9.41 -20.18
O5 AKG H . 10.64 9.95 -19.06
C3 AKG H . 11.85 8.26 -20.41
C4 AKG H . 12.33 7.53 -19.14
C5 AKG H . 11.23 6.53 -18.75
O3 AKG H . 10.07 6.50 -19.25
O4 AKG H . 11.53 5.65 -17.84
PG ATP I . 8.44 13.25 -16.68
O1G ATP I . 8.26 13.12 -15.17
O2G ATP I . 9.11 12.02 -17.27
O3G ATP I . 9.18 14.53 -17.02
PB ATP I . 6.52 13.09 -18.77
O1B ATP I . 7.78 13.00 -19.66
O2B ATP I . 5.54 14.14 -19.16
O3B ATP I . 7.00 13.44 -17.31
PA ATP I . 6.37 10.18 -18.45
O1A ATP I . 7.72 10.08 -19.13
O2A ATP I . 6.29 9.95 -16.94
O3A ATP I . 5.80 11.66 -18.69
O5' ATP I . 5.30 9.29 -19.29
C5' ATP I . 5.04 8.00 -18.77
C4' ATP I . 4.16 7.39 -19.90
O4' ATP I . 2.88 8.08 -20.03
C3' ATP I . 4.77 7.40 -21.28
O3' ATP I . 5.81 6.43 -21.52
C2' ATP I . 3.56 7.23 -22.18
O2' ATP I . 3.17 5.84 -22.19
C1' ATP I . 2.49 8.02 -21.42
N9 ATP I . 2.35 9.35 -21.94
C8 ATP I . 3.13 10.46 -21.61
N7 ATP I . 2.72 11.52 -22.23
C5 ATP I . 1.64 11.08 -23.01
C6 ATP I . 0.80 11.80 -23.90
N6 ATP I . 0.96 13.15 -24.08
N1 ATP I . -0.19 11.12 -24.54
C2 ATP I . -0.33 9.76 -24.29
N3 ATP I . 0.44 9.00 -23.43
C4 ATP I . 1.40 9.74 -22.83
NI NI J . 5.29 -1.35 -3.00
MG MG K . 15.71 -12.75 14.54
C1 AKG L . 17.96 -13.84 15.84
O1 AKG L . 18.88 -13.91 16.57
O2 AKG L . 17.15 -12.81 15.93
C2 AKG L . 17.66 -14.86 14.79
O5 AKG L . 16.70 -14.63 14.05
C3 AKG L . 18.55 -16.11 14.72
C4 AKG L . 18.45 -16.84 13.35
C5 AKG L . 19.36 -16.19 12.32
O3 AKG L . 19.54 -16.66 11.24
O4 AKG L . 19.98 -15.03 12.57
PG ATP M . 13.12 -11.91 12.85
O1G ATP M . 14.21 -12.88 13.19
O2G ATP M . 12.58 -12.08 11.44
O3G ATP M . 12.05 -12.01 13.89
PB ATP M . 14.67 -9.84 14.04
O1B ATP M . 15.02 -10.92 15.06
O2B ATP M . 14.17 -8.48 14.62
O3B ATP M . 13.65 -10.39 12.96
PA ATP M . 16.88 -10.54 12.41
O1A ATP M . 16.50 -10.76 10.97
O2A ATP M . 17.21 -11.77 13.29
O3A ATP M . 15.88 -9.50 13.11
O5' ATP M . 18.24 -9.61 12.47
C5' ATP M . 19.19 -9.78 11.45
C4' ATP M . 20.47 -8.96 11.73
O4' ATP M . 20.07 -7.60 11.95
C3' ATP M . 21.08 -9.37 13.06
O3' ATP M . 21.78 -10.66 13.08
C2' ATP M . 21.86 -8.15 13.50
O2' ATP M . 23.09 -8.20 12.73
C1' ATP M . 20.94 -7.02 12.96
N9 ATP M . 20.09 -6.53 14.00
C8 ATP M . 18.91 -7.04 14.42
N7 ATP M . 18.38 -6.33 15.35
C5 ATP M . 19.27 -5.28 15.56
C6 ATP M . 19.29 -4.15 16.42
N6 ATP M . 18.26 -3.89 17.28
N1 ATP M . 20.34 -3.24 16.38
C2 ATP M . 21.34 -3.48 15.49
N3 ATP M . 21.41 -4.53 14.60
C4 ATP M . 20.37 -5.39 14.70
NI NI N . 19.18 -14.98 -6.71
#